data_5NB8
#
_entry.id   5NB8
#
_cell.length_a   38.400
_cell.length_b   43.100
_cell.length_c   72.300
_cell.angle_alpha   75.30
_cell.angle_beta   82.00
_cell.angle_gamma   89.90
#
_symmetry.space_group_name_H-M   'P 1'
#
loop_
_entity.id
_entity.type
_entity.pdbx_description
1 polymer 'Protein NOV homolog'
2 non-polymer IMIDAZOLE
3 non-polymer GLYCEROL
4 water water
#
_entity_poly.entity_id   1
_entity_poly.type   'polypeptide(L)'
_entity_poly.pdbx_seq_one_letter_code
;MEGDNCVFDGVIYRNGEKFEPNCQYHCTCRDGQIGCVPRCQLDVLLPGPDCPAPKKVAVPGECCEKWTCGSEEKGTLGGL
ALPAYRPEATVGVELSD
;
_entity_poly.pdbx_strand_id   A,B,C,D
#
# COMPACT_ATOMS: atom_id res chain seq x y z
N MET A 1 -26.90 -7.52 1.28
CA MET A 1 -27.34 -6.41 0.44
C MET A 1 -26.28 -5.30 0.42
N GLU A 2 -26.35 -4.45 -0.60
CA GLU A 2 -25.38 -3.38 -0.77
C GLU A 2 -25.64 -2.27 0.24
N GLY A 3 -24.59 -1.81 0.90
CA GLY A 3 -24.68 -0.74 1.88
C GLY A 3 -25.01 -1.18 3.29
N ASP A 4 -25.19 -2.48 3.52
CA ASP A 4 -25.49 -2.98 4.85
C ASP A 4 -24.34 -2.75 5.81
N ASN A 5 -24.67 -2.54 7.09
CA ASN A 5 -23.72 -2.54 8.19
C ASN A 5 -23.38 -3.98 8.58
N CYS A 6 -22.40 -4.13 9.47
CA CYS A 6 -21.93 -5.42 9.97
C CYS A 6 -21.95 -5.44 11.48
N VAL A 7 -22.09 -6.63 12.04
CA VAL A 7 -21.97 -6.82 13.49
C VAL A 7 -20.80 -7.75 13.74
N PHE A 8 -19.89 -7.33 14.61
CA PHE A 8 -18.77 -8.17 14.99
C PHE A 8 -18.62 -8.10 16.50
N ASP A 9 -18.65 -9.27 17.15
CA ASP A 9 -18.42 -9.38 18.59
C ASP A 9 -19.29 -8.40 19.36
N GLY A 10 -20.54 -8.26 18.90
CA GLY A 10 -21.51 -7.43 19.59
C GLY A 10 -21.44 -5.96 19.27
N VAL A 11 -20.59 -5.54 18.35
CA VAL A 11 -20.46 -4.14 17.98
C VAL A 11 -20.92 -3.97 16.52
N ILE A 12 -21.72 -2.95 16.27
CA ILE A 12 -22.12 -2.65 14.89
C ILE A 12 -21.04 -1.83 14.25
N TYR A 13 -20.63 -2.21 13.05
CA TYR A 13 -19.70 -1.44 12.24
C TYR A 13 -20.40 -1.03 10.95
N ARG A 14 -20.22 0.21 10.54
CA ARG A 14 -20.93 0.67 9.37
C ARG A 14 -20.22 0.21 8.11
N ASN A 15 -20.99 0.14 7.02
CA ASN A 15 -20.43 -0.19 5.71
C ASN A 15 -19.25 0.72 5.43
N GLY A 16 -18.17 0.14 4.93
CA GLY A 16 -16.95 0.88 4.73
C GLY A 16 -16.15 1.23 5.98
N GLU A 17 -16.66 0.96 7.18
CA GLU A 17 -15.93 1.28 8.41
C GLU A 17 -14.83 0.26 8.69
N LYS A 18 -13.73 0.75 9.27
CA LYS A 18 -12.56 -0.07 9.59
C LYS A 18 -12.32 -0.10 11.10
N PHE A 19 -11.83 -1.23 11.59
CA PHE A 19 -11.57 -1.34 13.03
C PHE A 19 -10.48 -2.38 13.27
N GLU A 20 -10.01 -2.43 14.51
CA GLU A 20 -8.99 -3.37 14.92
C GLU A 20 -9.50 -4.14 16.13
N PRO A 21 -9.83 -5.43 16.00
CA PRO A 21 -10.27 -6.17 17.18
C PRO A 21 -9.12 -6.43 18.14
N ASN A 22 -7.89 -6.48 17.64
CA ASN A 22 -6.66 -6.49 18.43
C ASN A 22 -5.56 -5.89 17.58
N CYS A 23 -4.36 -5.76 18.14
CA CYS A 23 -3.23 -5.14 17.43
C CYS A 23 -2.77 -5.95 16.23
N GLN A 24 -3.16 -7.22 16.14
CA GLN A 24 -2.68 -8.10 15.08
C GLN A 24 -3.51 -8.07 13.82
N TYR A 25 -4.69 -7.45 13.81
CA TYR A 25 -5.56 -7.51 12.64
C TYR A 25 -6.22 -6.17 12.33
N HIS A 26 -6.45 -5.93 11.05
CA HIS A 26 -7.15 -4.76 10.55
C HIS A 26 -8.36 -5.24 9.75
N CYS A 27 -9.55 -4.80 10.13
CA CYS A 27 -10.80 -5.32 9.58
C CYS A 27 -11.60 -4.21 8.91
N THR A 28 -12.34 -4.60 7.87
CA THR A 28 -13.22 -3.68 7.16
C THR A 28 -14.60 -4.33 7.00
N CYS A 29 -15.64 -3.56 7.26
CA CYS A 29 -17.01 -3.97 6.99
C CYS A 29 -17.35 -3.57 5.57
N ARG A 30 -17.81 -4.53 4.76
CA ARG A 30 -18.17 -4.29 3.36
C ARG A 30 -19.52 -4.94 3.10
N ASP A 31 -20.58 -4.12 3.04
CA ASP A 31 -21.91 -4.58 2.67
C ASP A 31 -22.35 -5.77 3.51
N GLY A 32 -22.16 -5.68 4.82
CA GLY A 32 -22.64 -6.69 5.73
C GLY A 32 -21.65 -7.80 6.04
N GLN A 33 -20.49 -7.81 5.41
CA GLN A 33 -19.51 -8.86 5.64
C GLN A 33 -18.17 -8.25 6.07
N ILE A 34 -17.58 -8.80 7.14
CA ILE A 34 -16.29 -8.35 7.64
C ILE A 34 -15.17 -9.14 6.98
N GLY A 35 -14.17 -8.43 6.49
CA GLY A 35 -12.90 -9.04 6.12
C GLY A 35 -11.79 -8.38 6.90
N CYS A 36 -10.72 -9.13 7.15
CA CYS A 36 -9.59 -8.68 7.97
C CYS A 36 -8.27 -9.12 7.37
N VAL A 37 -7.24 -8.30 7.55
CA VAL A 37 -5.88 -8.64 7.11
C VAL A 37 -4.93 -8.65 8.29
N PRO A 38 -3.97 -9.57 8.33
CA PRO A 38 -2.99 -9.58 9.40
C PRO A 38 -2.05 -8.39 9.28
N ARG A 39 -1.65 -7.88 10.44
CA ARG A 39 -0.65 -6.84 10.51
C ARG A 39 0.73 -7.36 10.87
N CYS A 40 0.83 -8.61 11.29
CA CYS A 40 2.11 -9.25 11.57
C CYS A 40 2.60 -10.00 10.33
N GLN A 41 3.86 -10.42 10.38
CA GLN A 41 4.43 -11.26 9.32
C GLN A 41 4.18 -12.71 9.67
N LEU A 42 3.26 -13.35 8.95
CA LEU A 42 3.00 -14.77 9.18
C LEU A 42 4.03 -15.60 8.41
N ASP A 43 5.30 -15.41 8.78
CA ASP A 43 6.37 -16.05 8.04
C ASP A 43 6.65 -17.45 8.59
N VAL A 44 7.65 -18.09 8.01
CA VAL A 44 7.96 -19.49 8.28
C VAL A 44 9.45 -19.58 8.57
N LEU A 45 9.81 -20.41 9.55
CA LEU A 45 11.20 -20.64 9.89
C LEU A 45 11.37 -22.13 10.15
N LEU A 46 12.23 -22.77 9.37
CA LEU A 46 12.44 -24.21 9.40
C LEU A 46 13.56 -24.59 10.36
N PRO A 47 13.54 -25.82 10.87
CA PRO A 47 14.58 -26.25 11.81
C PRO A 47 15.96 -26.00 11.25
N GLY A 48 16.85 -25.48 12.09
CA GLY A 48 18.17 -25.10 11.68
C GLY A 48 19.20 -25.86 12.51
N PRO A 49 20.47 -25.73 12.14
CA PRO A 49 21.49 -26.57 12.78
C PRO A 49 21.59 -26.34 14.27
N ASP A 50 21.42 -25.08 14.71
CA ASP A 50 21.41 -24.75 16.12
C ASP A 50 20.01 -24.39 16.61
N CYS A 51 18.99 -24.67 15.81
CA CYS A 51 17.61 -24.25 16.10
C CYS A 51 16.70 -25.38 15.63
N PRO A 52 16.65 -26.49 16.37
CA PRO A 52 15.93 -27.66 15.85
C PRO A 52 14.43 -27.52 15.94
N ALA A 53 13.94 -26.66 16.84
CA ALA A 53 12.51 -26.55 17.12
C ALA A 53 12.14 -25.07 17.14
N PRO A 54 12.17 -24.40 15.99
CA PRO A 54 11.74 -23.00 15.95
C PRO A 54 10.31 -22.87 16.43
N LYS A 55 10.05 -21.87 17.26
CA LYS A 55 8.71 -21.65 17.77
C LYS A 55 8.49 -20.15 17.96
N LYS A 56 7.34 -19.65 17.52
CA LYS A 56 7.00 -18.25 17.67
C LYS A 56 6.30 -18.04 19.00
N VAL A 57 6.77 -17.05 19.77
CA VAL A 57 6.38 -16.81 21.15
C VAL A 57 6.14 -15.31 21.34
N ALA A 58 5.15 -14.98 22.16
CA ALA A 58 4.93 -13.60 22.56
C ALA A 58 6.19 -13.00 23.22
N VAL A 59 6.38 -11.70 23.02
CA VAL A 59 7.58 -10.99 23.45
C VAL A 59 7.14 -9.73 24.20
N PRO A 60 7.78 -9.38 25.32
CA PRO A 60 7.30 -8.25 26.13
C PRO A 60 7.25 -6.95 25.34
N GLY A 61 6.13 -6.25 25.45
CA GLY A 61 5.97 -4.96 24.80
C GLY A 61 5.91 -4.98 23.29
N GLU A 62 5.59 -6.12 22.69
CA GLU A 62 5.50 -6.25 21.24
C GLU A 62 4.16 -6.84 20.87
N CYS A 63 3.54 -6.29 19.81
CA CYS A 63 2.29 -6.86 19.34
C CYS A 63 2.50 -8.26 18.80
N CYS A 64 3.48 -8.44 17.91
CA CYS A 64 3.60 -9.67 17.15
C CYS A 64 4.55 -10.65 17.83
N GLU A 65 4.28 -11.93 17.65
CA GLU A 65 5.14 -12.99 18.15
C GLU A 65 6.43 -13.04 17.34
N LYS A 66 7.50 -13.46 18.01
CA LYS A 66 8.84 -13.50 17.44
C LYS A 66 9.42 -14.91 17.53
N TRP A 67 10.38 -15.19 16.67
CA TRP A 67 10.93 -16.53 16.58
C TRP A 67 11.92 -16.78 17.70
N THR A 68 11.86 -17.99 18.28
CA THR A 68 12.80 -18.47 19.28
C THR A 68 13.24 -19.87 18.88
N CYS A 69 14.27 -20.35 19.56
CA CYS A 69 14.79 -21.70 19.39
C CYS A 69 14.48 -22.46 20.67
N GLY A 70 13.51 -23.36 20.61
CA GLY A 70 13.13 -24.17 21.77
C GLY A 70 13.91 -25.46 21.90
N MET B 1 26.24 -23.07 13.05
CA MET B 1 27.49 -22.47 12.62
C MET B 1 27.23 -21.37 11.60
N GLU B 2 27.89 -20.23 11.79
CA GLU B 2 27.73 -19.09 10.88
C GLU B 2 28.42 -19.36 9.55
N GLY B 3 27.77 -18.91 8.47
CA GLY B 3 28.25 -19.16 7.13
C GLY B 3 27.86 -20.50 6.56
N ASP B 4 27.16 -21.32 7.33
CA ASP B 4 26.81 -22.65 6.86
C ASP B 4 25.81 -22.54 5.71
N ASN B 5 25.79 -23.59 4.92
CA ASN B 5 24.88 -23.68 3.80
C ASN B 5 23.65 -24.49 4.23
N CYS B 6 22.60 -24.44 3.40
CA CYS B 6 21.35 -25.10 3.72
C CYS B 6 21.01 -26.15 2.68
N VAL B 7 20.10 -27.05 3.05
CA VAL B 7 19.45 -27.96 2.13
C VAL B 7 17.95 -27.81 2.33
N PHE B 8 17.21 -27.77 1.22
CA PHE B 8 15.75 -27.68 1.29
C PHE B 8 15.18 -28.57 0.20
N ASP B 9 14.49 -29.62 0.59
CA ASP B 9 13.90 -30.59 -0.34
C ASP B 9 14.91 -31.02 -1.41
N GLY B 10 16.10 -31.43 -0.94
CA GLY B 10 17.08 -32.09 -1.78
C GLY B 10 18.03 -31.18 -2.53
N VAL B 11 17.81 -29.86 -2.54
CA VAL B 11 18.65 -28.94 -3.28
C VAL B 11 19.45 -28.09 -2.30
N ILE B 12 20.75 -27.93 -2.59
CA ILE B 12 21.65 -27.16 -1.76
C ILE B 12 21.46 -25.67 -2.07
N TYR B 13 21.43 -24.87 -1.01
CA TYR B 13 21.37 -23.43 -1.13
C TYR B 13 22.49 -22.84 -0.29
N ARG B 14 23.18 -21.85 -0.85
CA ARG B 14 24.30 -21.22 -0.17
C ARG B 14 23.80 -20.21 0.87
N ASN B 15 24.67 -19.94 1.83
CA ASN B 15 24.40 -18.92 2.83
C ASN B 15 24.07 -17.60 2.14
N GLY B 16 22.93 -17.00 2.51
CA GLY B 16 22.46 -15.79 1.87
C GLY B 16 21.66 -15.98 0.58
N GLU B 17 21.53 -17.19 0.06
CA GLU B 17 20.87 -17.37 -1.23
C GLU B 17 19.36 -17.31 -1.09
N LYS B 18 18.71 -16.68 -2.06
CA LYS B 18 17.26 -16.54 -2.08
C LYS B 18 16.67 -17.40 -3.19
N PHE B 19 15.53 -18.04 -2.91
CA PHE B 19 14.91 -18.89 -3.90
C PHE B 19 13.41 -18.92 -3.65
N GLU B 20 12.68 -19.32 -4.68
CA GLU B 20 11.23 -19.45 -4.59
C GLU B 20 10.88 -20.90 -4.86
N PRO B 21 10.62 -21.70 -3.81
CA PRO B 21 10.28 -23.11 -4.05
C PRO B 21 9.01 -23.28 -4.85
N ASN B 22 8.09 -22.32 -4.78
CA ASN B 22 6.89 -22.31 -5.61
C ASN B 22 6.38 -20.88 -5.63
N CYS B 23 5.25 -20.66 -6.31
CA CYS B 23 4.77 -19.29 -6.45
C CYS B 23 4.26 -18.69 -5.15
N GLN B 24 3.94 -19.50 -4.15
CA GLN B 24 3.38 -18.97 -2.91
C GLN B 24 4.41 -18.53 -1.86
N TYR B 25 5.71 -18.85 -2.03
CA TYR B 25 6.68 -18.57 -0.98
C TYR B 25 8.00 -18.06 -1.56
N HIS B 26 8.61 -17.12 -0.83
CA HIS B 26 9.99 -16.69 -1.07
C HIS B 26 10.82 -17.05 0.16
N CYS B 27 11.98 -17.65 -0.05
CA CYS B 27 12.78 -18.24 1.02
C CYS B 27 14.23 -17.77 0.94
N THR B 28 14.92 -17.79 2.08
CA THR B 28 16.31 -17.39 2.18
C THR B 28 17.07 -18.34 3.10
N CYS B 29 18.23 -18.83 2.63
CA CYS B 29 19.12 -19.60 3.48
C CYS B 29 19.98 -18.65 4.30
N ARG B 30 20.00 -18.84 5.62
CA ARG B 30 20.81 -18.00 6.50
C ARG B 30 21.53 -18.90 7.50
N ASP B 31 22.85 -19.05 7.32
CA ASP B 31 23.71 -19.80 8.23
C ASP B 31 23.09 -21.15 8.59
N GLY B 32 22.65 -21.88 7.57
CA GLY B 32 22.13 -23.21 7.77
C GLY B 32 20.65 -23.31 8.03
N GLN B 33 19.94 -22.20 8.16
CA GLN B 33 18.51 -22.23 8.47
C GLN B 33 17.71 -21.54 7.36
N ILE B 34 16.67 -22.22 6.88
CA ILE B 34 15.76 -21.66 5.89
C ILE B 34 14.66 -20.88 6.61
N GLY B 35 14.44 -19.64 6.17
CA GLY B 35 13.22 -18.91 6.51
C GLY B 35 12.49 -18.50 5.25
N CYS B 36 11.16 -18.46 5.32
CA CYS B 36 10.35 -18.15 4.15
C CYS B 36 9.23 -17.19 4.51
N VAL B 37 8.78 -16.41 3.52
CA VAL B 37 7.60 -15.56 3.66
C VAL B 37 6.56 -15.93 2.61
N PRO B 38 5.30 -16.02 2.98
CA PRO B 38 4.27 -16.20 1.97
C PRO B 38 4.21 -14.99 1.07
N ARG B 39 3.84 -15.24 -0.19
N ARG B 39 3.84 -15.24 -0.19
CA ARG B 39 3.64 -14.18 -1.17
CA ARG B 39 3.63 -14.17 -1.15
C ARG B 39 2.17 -13.85 -1.41
C ARG B 39 2.16 -13.83 -1.38
N CYS B 40 1.24 -14.71 -1.01
CA CYS B 40 -0.18 -14.44 -1.20
C CYS B 40 -0.74 -13.56 -0.09
N GLN B 41 -1.94 -13.04 -0.33
CA GLN B 41 -2.66 -12.27 0.67
C GLN B 41 -3.30 -13.21 1.68
N LEU B 42 -3.00 -13.02 2.96
CA LEU B 42 -3.48 -13.92 4.01
C LEU B 42 -4.64 -13.30 4.80
N ASP B 43 -5.64 -12.80 4.08
CA ASP B 43 -6.79 -12.21 4.75
C ASP B 43 -7.69 -13.30 5.31
N VAL B 44 -8.64 -12.88 6.16
CA VAL B 44 -9.68 -13.76 6.65
C VAL B 44 -11.02 -13.07 6.36
N LEU B 45 -12.02 -13.86 6.03
CA LEU B 45 -13.32 -13.35 5.65
C LEU B 45 -14.36 -14.00 6.53
N LEU B 46 -15.10 -13.20 7.26
CA LEU B 46 -16.06 -13.79 8.19
C LEU B 46 -17.40 -14.02 7.48
N PRO B 47 -18.28 -14.88 8.01
CA PRO B 47 -19.57 -15.11 7.36
C PRO B 47 -20.32 -13.81 7.13
N GLY B 48 -21.12 -13.79 6.07
CA GLY B 48 -21.80 -12.58 5.65
C GLY B 48 -23.25 -12.83 5.36
N PRO B 49 -23.94 -11.84 4.81
CA PRO B 49 -25.40 -11.97 4.58
C PRO B 49 -25.74 -13.15 3.67
N ASP B 50 -25.38 -13.07 2.38
CA ASP B 50 -25.58 -14.18 1.46
C ASP B 50 -24.31 -15.01 1.33
N CYS B 51 -23.39 -14.87 2.30
CA CYS B 51 -22.12 -15.59 2.31
C CYS B 51 -21.94 -16.23 3.68
N PRO B 52 -22.75 -17.25 4.01
CA PRO B 52 -22.70 -17.80 5.37
C PRO B 52 -21.47 -18.62 5.66
N ALA B 53 -20.78 -19.13 4.64
CA ALA B 53 -19.66 -20.05 4.84
C ALA B 53 -18.53 -19.75 3.88
N PRO B 54 -17.84 -18.62 4.07
CA PRO B 54 -16.74 -18.28 3.16
C PRO B 54 -15.62 -19.30 3.24
N LYS B 55 -15.09 -19.66 2.08
CA LYS B 55 -14.02 -20.63 2.00
C LYS B 55 -13.07 -20.22 0.89
N LYS B 56 -11.77 -20.35 1.14
CA LYS B 56 -10.75 -19.98 0.17
C LYS B 56 -10.37 -21.21 -0.63
N VAL B 57 -10.34 -21.08 -1.97
CA VAL B 57 -10.11 -22.22 -2.85
C VAL B 57 -9.21 -21.81 -4.02
N ALA B 58 -8.59 -22.81 -4.65
CA ALA B 58 -7.82 -22.56 -5.86
C ALA B 58 -8.73 -22.18 -7.01
N VAL B 59 -8.23 -21.32 -7.90
CA VAL B 59 -8.96 -20.86 -9.07
C VAL B 59 -8.02 -20.96 -10.26
N PRO B 60 -8.54 -21.18 -11.46
CA PRO B 60 -7.67 -21.46 -12.61
C PRO B 60 -6.72 -20.32 -12.94
N GLY B 61 -5.51 -20.67 -13.35
CA GLY B 61 -4.51 -19.69 -13.75
C GLY B 61 -4.06 -18.72 -12.67
N GLU B 62 -4.38 -18.96 -11.40
CA GLU B 62 -3.97 -18.09 -10.32
C GLU B 62 -3.09 -18.85 -9.35
N CYS B 63 -2.06 -18.17 -8.86
CA CYS B 63 -1.18 -18.78 -7.87
C CYS B 63 -1.91 -18.96 -6.55
N CYS B 64 -2.56 -17.90 -6.09
CA CYS B 64 -3.12 -17.83 -4.75
C CYS B 64 -4.58 -18.25 -4.74
N GLU B 65 -5.01 -18.75 -3.59
CA GLU B 65 -6.39 -19.10 -3.39
C GLU B 65 -7.24 -17.84 -3.26
N LYS B 66 -8.54 -17.99 -3.54
CA LYS B 66 -9.49 -16.88 -3.55
C LYS B 66 -10.71 -17.23 -2.70
N TRP B 67 -11.41 -16.20 -2.22
CA TRP B 67 -12.58 -16.41 -1.39
C TRP B 67 -13.79 -16.76 -2.25
N THR B 68 -14.58 -17.72 -1.76
CA THR B 68 -15.87 -18.09 -2.34
C THR B 68 -16.90 -18.17 -1.23
N CYS B 69 -18.17 -18.07 -1.62
CA CYS B 69 -19.30 -18.27 -0.70
C CYS B 69 -19.83 -19.68 -0.92
N GLY B 70 -19.38 -20.61 -0.08
CA GLY B 70 -19.80 -22.00 -0.21
C GLY B 70 -21.12 -22.29 0.48
N MET C 1 13.88 -1.44 12.12
CA MET C 1 15.15 -2.14 12.00
C MET C 1 15.56 -2.24 10.54
N GLU C 2 16.86 -2.22 10.27
CA GLU C 2 17.34 -2.33 8.90
C GLU C 2 17.07 -3.71 8.33
N GLY C 3 16.64 -3.75 7.08
CA GLY C 3 16.36 -4.99 6.40
C GLY C 3 15.02 -5.61 6.75
N ASP C 4 14.17 -4.91 7.51
CA ASP C 4 12.86 -5.45 7.82
C ASP C 4 11.97 -5.48 6.58
N ASN C 5 11.15 -6.53 6.51
CA ASN C 5 10.06 -6.65 5.55
C ASN C 5 8.90 -5.76 5.97
N CYS C 6 7.91 -5.65 5.09
CA CYS C 6 6.72 -4.84 5.35
C CYS C 6 5.48 -5.67 5.07
N VAL C 7 4.39 -5.29 5.73
CA VAL C 7 3.07 -5.88 5.51
C VAL C 7 2.16 -4.77 5.01
N PHE C 8 1.52 -4.99 3.86
CA PHE C 8 0.58 -4.04 3.32
C PHE C 8 -0.65 -4.80 2.87
N ASP C 9 -1.81 -4.50 3.48
CA ASP C 9 -3.07 -5.11 3.07
C ASP C 9 -2.96 -6.64 3.11
N GLY C 10 -2.28 -7.16 4.13
CA GLY C 10 -2.22 -8.59 4.28
C GLY C 10 -1.24 -9.31 3.38
N VAL C 11 -0.37 -8.58 2.68
CA VAL C 11 0.70 -9.18 1.88
C VAL C 11 2.04 -8.73 2.43
N ILE C 12 2.97 -9.65 2.52
CA ILE C 12 4.33 -9.32 2.97
C ILE C 12 5.13 -8.88 1.77
N TYR C 13 5.78 -7.73 1.89
CA TYR C 13 6.73 -7.28 0.88
C TYR C 13 8.11 -7.25 1.51
N ARG C 14 9.11 -7.70 0.76
CA ARG C 14 10.44 -7.78 1.31
C ARG C 14 11.11 -6.42 1.23
N ASN C 15 12.06 -6.19 2.12
CA ASN C 15 12.85 -4.97 2.07
C ASN C 15 13.40 -4.77 0.67
N GLY C 16 13.26 -3.54 0.15
CA GLY C 16 13.62 -3.23 -1.21
C GLY C 16 12.61 -3.60 -2.28
N GLU C 17 11.60 -4.41 -1.96
CA GLU C 17 10.66 -4.87 -2.99
C GLU C 17 9.70 -3.75 -3.38
N LYS C 18 9.43 -3.62 -4.68
CA LYS C 18 8.48 -2.67 -5.23
C LYS C 18 7.19 -3.39 -5.64
N PHE C 19 6.07 -2.70 -5.48
CA PHE C 19 4.79 -3.27 -5.88
C PHE C 19 3.80 -2.18 -6.22
N GLU C 20 2.68 -2.61 -6.78
CA GLU C 20 1.70 -1.73 -7.40
C GLU C 20 0.35 -2.15 -6.84
N PRO C 21 -0.14 -1.47 -5.81
CA PRO C 21 -1.43 -1.86 -5.23
C PRO C 21 -2.59 -1.62 -6.18
N ASN C 22 -2.47 -0.62 -7.03
CA ASN C 22 -3.41 -0.38 -8.11
C ASN C 22 -2.65 0.37 -9.19
N CYS C 23 -3.31 0.67 -10.32
CA CYS C 23 -2.59 1.25 -11.44
C CYS C 23 -2.14 2.68 -11.17
N GLN C 24 -2.63 3.32 -10.10
CA GLN C 24 -2.34 4.71 -9.81
C GLN C 24 -1.11 4.94 -8.92
N TYR C 25 -0.55 3.90 -8.29
CA TYR C 25 0.53 4.06 -7.31
C TYR C 25 1.62 3.01 -7.47
N HIS C 26 2.87 3.45 -7.30
N HIS C 26 2.87 3.46 -7.45
CA HIS C 26 4.06 2.60 -7.27
CA HIS C 26 4.03 2.60 -7.27
C HIS C 26 4.63 2.67 -5.86
C HIS C 26 4.43 2.68 -5.79
N CYS C 27 4.67 1.54 -5.17
CA CYS C 27 5.06 1.49 -3.76
C CYS C 27 6.36 0.73 -3.56
N THR C 28 7.07 1.06 -2.47
CA THR C 28 8.35 0.45 -2.14
C THR C 28 8.42 0.17 -0.64
N CYS C 29 8.83 -1.05 -0.29
CA CYS C 29 9.10 -1.39 1.10
C CYS C 29 10.56 -1.05 1.41
N ARG C 30 10.77 -0.26 2.46
CA ARG C 30 12.10 0.14 2.94
C ARG C 30 12.16 -0.07 4.43
N ASP C 31 12.89 -1.09 4.88
CA ASP C 31 13.17 -1.30 6.30
C ASP C 31 11.91 -1.25 7.13
N GLY C 32 10.86 -1.94 6.67
CA GLY C 32 9.62 -2.07 7.40
C GLY C 32 8.59 -1.00 7.14
N GLN C 33 8.87 -0.01 6.30
CA GLN C 33 7.91 1.06 6.02
C GLN C 33 7.66 1.16 4.53
N ILE C 34 6.38 1.27 4.15
CA ILE C 34 5.96 1.41 2.76
C ILE C 34 5.86 2.88 2.42
N GLY C 35 6.50 3.28 1.32
CA GLY C 35 6.25 4.56 0.70
C GLY C 35 5.73 4.34 -0.71
N CYS C 36 4.92 5.29 -1.20
CA CYS C 36 4.31 5.17 -2.52
C CYS C 36 4.30 6.50 -3.25
N VAL C 37 4.38 6.45 -4.58
CA VAL C 37 4.33 7.67 -5.41
C VAL C 37 3.19 7.57 -6.42
N PRO C 38 2.48 8.66 -6.71
CA PRO C 38 1.43 8.61 -7.73
C PRO C 38 2.00 8.42 -9.12
N ARG C 39 1.26 7.69 -9.95
CA ARG C 39 1.58 7.57 -11.35
C ARG C 39 0.71 8.45 -12.24
N CYS C 40 -0.37 8.99 -11.71
CA CYS C 40 -1.18 9.95 -12.43
C CYS C 40 -0.65 11.36 -12.18
N GLN C 41 -1.09 12.28 -13.03
CA GLN C 41 -0.80 13.70 -12.87
C GLN C 41 -1.82 14.32 -11.93
N LEU C 42 -1.41 14.66 -10.72
CA LEU C 42 -2.32 15.26 -9.75
C LEU C 42 -2.38 16.77 -9.99
N ASP C 43 -2.92 17.14 -11.15
CA ASP C 43 -2.83 18.53 -11.56
C ASP C 43 -4.10 19.29 -11.17
N VAL C 44 -4.11 20.57 -11.48
CA VAL C 44 -5.14 21.50 -11.05
C VAL C 44 -5.68 22.17 -12.30
N LEU C 45 -7.00 22.29 -12.39
CA LEU C 45 -7.65 23.00 -13.47
C LEU C 45 -8.64 23.97 -12.84
N LEU C 46 -8.46 25.25 -13.12
CA LEU C 46 -9.33 26.27 -12.56
C LEU C 46 -10.51 26.55 -13.48
N PRO C 47 -11.59 27.13 -12.94
CA PRO C 47 -12.74 27.47 -13.78
C PRO C 47 -12.34 28.35 -14.96
N GLY C 48 -13.00 28.11 -16.10
CA GLY C 48 -12.74 28.86 -17.31
C GLY C 48 -14.04 29.34 -17.93
N PRO C 49 -13.94 30.19 -18.95
CA PRO C 49 -15.13 30.95 -19.42
C PRO C 49 -16.29 30.05 -19.76
N ASP C 50 -16.04 28.87 -20.30
CA ASP C 50 -17.08 27.89 -20.59
C ASP C 50 -16.87 26.57 -19.85
N CYS C 51 -16.07 26.58 -18.79
CA CYS C 51 -15.84 25.39 -17.97
C CYS C 51 -15.87 25.80 -16.52
N PRO C 52 -17.06 26.04 -15.96
CA PRO C 52 -17.13 26.68 -14.64
C PRO C 52 -16.80 25.75 -13.49
N ALA C 53 -17.08 24.46 -13.60
CA ALA C 53 -16.89 23.52 -12.50
C ALA C 53 -16.06 22.34 -12.97
N PRO C 54 -14.76 22.54 -13.21
CA PRO C 54 -13.92 21.43 -13.66
C PRO C 54 -13.88 20.32 -12.62
N LYS C 55 -14.01 19.09 -13.10
CA LYS C 55 -14.05 17.95 -12.19
C LYS C 55 -13.35 16.78 -12.86
N LYS C 56 -12.50 16.08 -12.11
CA LYS C 56 -11.81 14.91 -12.63
C LYS C 56 -12.71 13.69 -12.47
N VAL C 57 -12.90 12.94 -13.56
CA VAL C 57 -13.78 11.78 -13.54
C VAL C 57 -13.08 10.59 -14.21
N ALA C 58 -13.44 9.39 -13.77
CA ALA C 58 -12.97 8.17 -14.40
C ALA C 58 -13.42 8.13 -15.87
N VAL C 59 -12.56 7.55 -16.70
CA VAL C 59 -12.76 7.50 -18.16
C VAL C 59 -12.60 6.05 -18.60
N PRO C 60 -13.44 5.53 -19.50
CA PRO C 60 -13.36 4.11 -19.87
C PRO C 60 -11.99 3.75 -20.41
N GLY C 61 -11.45 2.64 -19.91
CA GLY C 61 -10.21 2.10 -20.43
C GLY C 61 -8.94 2.87 -20.10
N GLU C 62 -9.00 3.84 -19.18
CA GLU C 62 -7.85 4.63 -18.75
C GLU C 62 -7.65 4.46 -17.25
N CYS C 63 -6.39 4.36 -16.83
CA CYS C 63 -6.14 4.24 -15.40
C CYS C 63 -6.54 5.53 -14.69
N CYS C 64 -6.08 6.66 -15.20
CA CYS C 64 -6.19 7.94 -14.50
C CYS C 64 -7.45 8.71 -14.89
N GLU C 65 -7.95 9.50 -13.94
CA GLU C 65 -9.09 10.36 -14.17
C GLU C 65 -8.69 11.55 -15.03
N LYS C 66 -9.65 12.03 -15.82
CA LYS C 66 -9.45 13.12 -16.76
C LYS C 66 -10.40 14.25 -16.42
N TRP C 67 -10.05 15.46 -16.89
CA TRP C 67 -10.84 16.63 -16.57
C TRP C 67 -12.11 16.67 -17.41
N THR C 68 -13.20 17.06 -16.77
CA THR C 68 -14.48 17.33 -17.43
C THR C 68 -14.97 18.70 -16.99
N CYS C 69 -15.99 19.18 -17.71
CA CYS C 69 -16.64 20.44 -17.40
C CYS C 69 -18.03 20.11 -16.86
N GLY C 70 -18.23 20.38 -15.56
CA GLY C 70 -19.49 20.11 -14.92
C GLY C 70 -20.48 21.24 -15.06
N MET D 1 -13.44 30.63 -26.09
CA MET D 1 -12.87 30.99 -27.38
C MET D 1 -11.35 30.77 -27.40
N GLU D 2 -10.84 30.37 -28.55
CA GLU D 2 -9.40 30.15 -28.69
C GLU D 2 -8.66 31.47 -28.75
N GLY D 3 -7.45 31.49 -28.20
CA GLY D 3 -6.69 32.70 -28.08
C GLY D 3 -7.15 33.62 -26.97
N ASP D 4 -8.18 33.23 -26.22
CA ASP D 4 -8.62 34.04 -25.09
C ASP D 4 -7.51 34.14 -24.04
N ASN D 5 -7.40 35.32 -23.45
CA ASN D 5 -6.60 35.56 -22.27
C ASN D 5 -7.28 34.92 -21.06
N CYS D 6 -6.55 34.84 -19.95
CA CYS D 6 -7.06 34.36 -18.68
C CYS D 6 -6.81 35.41 -17.60
N VAL D 7 -7.52 35.27 -16.48
CA VAL D 7 -7.33 36.11 -15.31
C VAL D 7 -7.01 35.20 -14.13
N PHE D 8 -6.02 35.60 -13.34
CA PHE D 8 -5.70 34.88 -12.10
C PHE D 8 -5.30 35.91 -11.06
N ASP D 9 -5.93 35.84 -9.89
CA ASP D 9 -5.70 36.80 -8.82
C ASP D 9 -5.77 38.23 -9.35
N GLY D 10 -6.71 38.48 -10.27
CA GLY D 10 -6.95 39.80 -10.77
C GLY D 10 -6.04 40.27 -11.88
N VAL D 11 -5.00 39.50 -12.24
CA VAL D 11 -4.05 39.91 -13.26
C VAL D 11 -4.31 39.11 -14.53
N ILE D 12 -4.09 39.72 -15.69
CA ILE D 12 -4.40 39.11 -16.96
C ILE D 12 -3.16 38.40 -17.48
N TYR D 13 -3.31 37.15 -17.91
CA TYR D 13 -2.24 36.38 -18.53
C TYR D 13 -2.66 36.07 -19.95
N ARG D 14 -1.76 36.27 -20.90
CA ARG D 14 -2.14 36.06 -22.29
C ARG D 14 -2.16 34.57 -22.59
N ASN D 15 -2.80 34.24 -23.70
CA ASN D 15 -2.89 32.84 -24.12
C ASN D 15 -1.50 32.23 -24.23
N GLY D 16 -1.31 31.08 -23.58
CA GLY D 16 -0.02 30.40 -23.57
C GLY D 16 1.00 30.95 -22.59
N GLU D 17 0.70 32.03 -21.87
CA GLU D 17 1.65 32.55 -20.90
C GLU D 17 1.72 31.62 -19.69
N LYS D 18 2.93 31.45 -19.16
CA LYS D 18 3.23 30.62 -18.00
C LYS D 18 3.61 31.50 -16.82
N PHE D 19 3.27 31.03 -15.62
CA PHE D 19 3.55 31.80 -14.42
C PHE D 19 3.55 30.85 -13.22
N GLU D 20 4.19 31.31 -12.16
CA GLU D 20 4.35 30.51 -10.94
C GLU D 20 3.77 31.29 -9.78
N PRO D 21 2.53 31.02 -9.36
CA PRO D 21 1.94 31.83 -8.29
C PRO D 21 2.68 31.68 -6.98
N ASN D 22 3.38 30.56 -6.81
CA ASN D 22 4.24 30.29 -5.67
C ASN D 22 5.18 29.16 -6.10
N CYS D 23 6.08 28.76 -5.19
CA CYS D 23 7.09 27.77 -5.53
C CYS D 23 6.50 26.38 -5.72
N GLN D 24 5.31 26.10 -5.22
CA GLN D 24 4.74 24.77 -5.33
C GLN D 24 3.94 24.51 -6.62
N TYR D 25 3.69 25.52 -7.45
CA TYR D 25 2.83 25.34 -8.62
C TYR D 25 3.38 26.08 -9.82
N HIS D 26 3.21 25.49 -11.01
CA HIS D 26 3.48 26.13 -12.29
C HIS D 26 2.18 26.09 -13.09
N CYS D 27 1.78 27.24 -13.64
CA CYS D 27 0.48 27.40 -14.29
C CYS D 27 0.64 27.92 -15.71
N THR D 28 -0.33 27.58 -16.55
CA THR D 28 -0.35 28.01 -17.94
C THR D 28 -1.77 28.43 -18.31
N CYS D 29 -1.89 29.63 -18.88
CA CYS D 29 -3.15 30.07 -19.45
C CYS D 29 -3.33 29.45 -20.83
N ARG D 30 -4.44 28.74 -21.05
CA ARG D 30 -4.75 28.15 -22.35
C ARG D 30 -6.18 28.52 -22.76
N ASP D 31 -6.31 29.48 -23.68
CA ASP D 31 -7.60 29.83 -24.28
C ASP D 31 -8.66 30.09 -23.23
N GLY D 32 -8.33 30.95 -22.25
CA GLY D 32 -9.28 31.37 -21.25
C GLY D 32 -9.33 30.54 -19.99
N GLN D 33 -8.60 29.43 -19.92
CA GLN D 33 -8.60 28.60 -18.73
C GLN D 33 -7.18 28.32 -18.26
N ILE D 34 -6.97 28.45 -16.96
CA ILE D 34 -5.67 28.20 -16.34
C ILE D 34 -5.62 26.79 -15.78
N GLY D 35 -4.59 26.04 -16.17
CA GLY D 35 -4.25 24.80 -15.49
C GLY D 35 -2.88 24.93 -14.83
N CYS D 36 -2.67 24.17 -13.76
CA CYS D 36 -1.42 24.19 -13.01
C CYS D 36 -0.98 22.77 -12.63
N VAL D 37 0.33 22.59 -12.45
CA VAL D 37 0.90 21.33 -12.03
C VAL D 37 1.67 21.55 -10.72
N PRO D 38 1.46 20.73 -9.70
CA PRO D 38 2.33 20.82 -8.52
C PRO D 38 3.76 20.54 -8.91
N ARG D 39 4.68 21.22 -8.25
N ARG D 39 4.69 21.24 -8.25
CA ARG D 39 6.10 21.00 -8.47
CA ARG D 39 6.10 20.99 -8.48
C ARG D 39 6.72 20.05 -7.44
C ARG D 39 6.72 20.06 -7.44
N CYS D 40 6.03 19.80 -6.34
CA CYS D 40 6.59 18.99 -5.26
C CYS D 40 6.35 17.50 -5.47
N GLN D 41 7.18 16.70 -4.81
CA GLN D 41 6.97 15.25 -4.82
C GLN D 41 5.74 14.93 -4.00
N LEU D 42 4.77 14.26 -4.61
CA LEU D 42 3.51 14.01 -3.91
C LEU D 42 3.41 12.56 -3.46
N ASP D 43 4.42 12.09 -2.75
CA ASP D 43 4.43 10.72 -2.25
C ASP D 43 3.62 10.58 -0.96
N VAL D 44 3.31 9.35 -0.61
CA VAL D 44 2.63 9.02 0.62
C VAL D 44 3.51 8.05 1.40
N LEU D 45 3.47 8.16 2.72
CA LEU D 45 4.32 7.37 3.59
C LEU D 45 3.44 6.64 4.59
N LEU D 46 3.48 5.37 4.57
CA LEU D 46 2.60 4.70 5.51
C LEU D 46 3.27 4.54 6.87
N PRO D 47 2.50 4.36 7.93
CA PRO D 47 3.10 4.08 9.25
C PRO D 47 3.99 2.85 9.17
N GLY D 48 5.06 2.87 9.94
CA GLY D 48 5.92 1.72 10.10
C GLY D 48 6.36 1.58 11.54
N PRO D 49 6.72 0.38 11.96
CA PRO D 49 7.31 0.24 13.30
C PRO D 49 8.50 1.16 13.45
N ASP D 50 8.49 2.00 14.50
CA ASP D 50 9.45 3.08 14.75
C ASP D 50 9.11 4.35 13.96
N CYS D 51 7.97 4.36 13.27
CA CYS D 51 7.44 5.57 12.64
C CYS D 51 5.92 5.42 12.55
N PRO D 52 5.23 5.48 13.69
CA PRO D 52 3.80 5.12 13.67
C PRO D 52 2.89 6.21 13.13
N ALA D 53 3.33 7.46 13.08
CA ALA D 53 2.48 8.57 12.63
C ALA D 53 3.25 9.49 11.71
N PRO D 54 3.54 9.04 10.48
CA PRO D 54 4.28 9.91 9.57
C PRO D 54 3.44 11.12 9.21
N LYS D 55 4.12 12.26 9.07
CA LYS D 55 3.48 13.52 8.81
C LYS D 55 4.42 14.37 7.98
N LYS D 56 3.88 14.98 6.92
CA LYS D 56 4.66 15.82 6.05
C LYS D 56 4.55 17.26 6.57
N VAL D 57 5.70 17.91 6.79
CA VAL D 57 5.72 19.23 7.41
C VAL D 57 6.72 20.13 6.70
N ALA D 58 6.48 21.44 6.82
CA ALA D 58 7.38 22.45 6.30
C ALA D 58 8.75 22.32 6.96
N VAL D 59 9.77 22.75 6.23
CA VAL D 59 11.16 22.48 6.60
C VAL D 59 11.97 23.72 6.22
N PRO D 60 12.92 24.17 7.05
CA PRO D 60 13.57 25.46 6.76
C PRO D 60 14.30 25.46 5.42
N GLY D 61 14.16 26.56 4.70
CA GLY D 61 14.88 26.73 3.46
C GLY D 61 14.41 25.87 2.30
N GLU D 62 13.26 25.21 2.43
CA GLU D 62 12.78 24.27 1.43
C GLU D 62 11.37 24.65 0.99
N CYS D 63 11.16 24.66 -0.32
CA CYS D 63 9.83 24.93 -0.83
C CYS D 63 8.85 23.87 -0.38
N CYS D 64 9.19 22.60 -0.55
CA CYS D 64 8.24 21.51 -0.35
C CYS D 64 8.33 20.91 1.06
N GLU D 65 7.22 20.33 1.48
CA GLU D 65 7.12 19.63 2.76
C GLU D 65 7.87 18.30 2.70
N LYS D 66 8.39 17.88 3.87
CA LYS D 66 9.19 16.68 4.00
C LYS D 66 8.58 15.78 5.06
N TRP D 67 8.85 14.48 4.97
CA TRP D 67 8.23 13.52 5.88
C TRP D 67 8.96 13.54 7.21
N THR D 68 8.19 13.38 8.30
CA THR D 68 8.72 13.23 9.64
C THR D 68 7.96 12.11 10.32
N CYS D 69 8.51 11.64 11.43
CA CYS D 69 7.84 10.67 12.28
C CYS D 69 7.37 11.43 13.52
N GLY D 70 6.10 11.82 13.53
CA GLY D 70 5.55 12.61 14.62
C GLY D 70 4.77 11.81 15.65
#